data_9F6H
#
_entry.id   9F6H
#
_cell.length_a   103.471
_cell.length_b   103.471
_cell.length_c   46.421
_cell.angle_alpha   90.00
_cell.angle_beta   90.00
_cell.angle_gamma   120.00
#
_symmetry.space_group_name_H-M   'P 61'
#
loop_
_entity.id
_entity.type
_entity.pdbx_description
1 polymer 'Chymotrypsin A chain A'
2 polymer 'Chymotrypsin A chain B'
3 polymer 'Chymotrypsin A chain C'
4 polymer 'Bicyclic peptide MP5.4.3'
5 water water
#
loop_
_entity_poly.entity_id
_entity_poly.type
_entity_poly.pdbx_seq_one_letter_code
_entity_poly.pdbx_strand_id
1 'polypeptide(L)' CGVPAIQPVLSGL A
2 'polypeptide(L)'
;IVNGEEAVPGSWPWQVSLQDKTGFHFCGGSLINENWVVTAAHCGVTTSDVVVAGEFDQGSSSEKIQKLKIAKVFKNSKYN
SLTINNDITLLKLSTAASFSQTVSAVCLPSASDDFAAGTTCVTTGWGLTRY
;
B
3 'polypeptide(L)'
;ANTPDRLQQASLPLLSNTNCKKYWGTKIKDAMICAGASGVSSCMGDSGGPLVCKKNGAWTLVGIVSWGSSTCSTSTPGVY
ARVTALVNWVQQTLAAN
;
C
4 'polypeptide(L)' ACAWCLRGTICCSG L
#
# COMPACT_ATOMS: atom_id res chain seq x y z
N CYS A 1 6.35 16.55 0.88
CA CYS A 1 6.05 15.11 0.73
C CYS A 1 7.36 14.33 0.79
N GLY A 2 7.34 13.14 1.41
CA GLY A 2 8.33 12.10 1.20
C GLY A 2 9.52 12.14 2.16
N VAL A 3 9.52 13.09 3.12
CA VAL A 3 10.62 13.26 4.06
C VAL A 3 10.11 13.25 5.50
N PRO A 4 9.98 12.08 6.17
CA PRO A 4 9.39 12.04 7.51
C PRO A 4 10.18 12.85 8.54
N ALA A 5 9.49 13.38 9.56
CA ALA A 5 10.15 14.07 10.67
C ALA A 5 10.99 13.08 11.47
N ILE A 6 10.58 11.80 11.49
CA ILE A 6 11.26 10.71 12.19
C ILE A 6 11.91 9.78 11.15
N GLN A 7 13.23 9.83 11.07
CA GLN A 7 13.95 9.06 10.03
C GLN A 7 13.81 7.55 10.21
N PRO A 8 13.39 6.86 9.15
CA PRO A 8 13.33 5.42 9.20
C PRO A 8 14.71 4.75 9.30
N VAL A 9 14.80 3.62 9.98
CA VAL A 9 16.05 2.81 10.02
C VAL A 9 15.75 1.42 9.44
N LEU A 10 16.61 0.92 8.57
CA LEU A 10 16.39 -0.37 7.93
C LEU A 10 17.63 -1.28 8.06
N SER A 11 17.42 -2.60 8.19
CA SER A 11 18.50 -3.56 8.37
C SER A 11 19.30 -3.72 7.08
N GLY A 12 20.59 -3.37 7.12
CA GLY A 12 21.40 -3.39 5.89
C GLY A 12 21.25 -2.10 5.09
N LEU A 13 20.82 -0.98 5.65
CA LEU A 13 20.75 0.18 4.72
C LEU A 13 21.40 1.40 5.36
N ILE B 1 3.44 -8.89 6.35
CA ILE B 1 4.78 -9.05 5.71
C ILE B 1 5.48 -10.27 6.31
N VAL B 2 5.90 -11.19 5.43
CA VAL B 2 6.66 -12.39 5.85
C VAL B 2 8.17 -12.07 5.83
N ASN B 3 8.85 -12.20 6.98
CA ASN B 3 10.32 -12.03 7.09
C ASN B 3 10.72 -10.56 7.03
N GLY B 4 9.90 -9.68 7.58
CA GLY B 4 10.26 -8.25 7.66
C GLY B 4 10.73 -7.88 9.05
N GLU B 5 10.41 -6.68 9.51
CA GLU B 5 10.90 -6.27 10.82
C GLU B 5 10.09 -5.07 11.31
N GLU B 6 9.99 -4.94 12.63
N GLU B 6 10.06 -4.89 12.62
CA GLU B 6 9.28 -3.81 13.23
CA GLU B 6 9.31 -3.82 13.28
C GLU B 6 9.87 -2.52 12.67
C GLU B 6 9.88 -2.46 12.87
N ALA B 7 9.01 -1.53 12.44
CA ALA B 7 9.43 -0.20 12.00
C ALA B 7 9.78 0.70 13.20
N VAL B 8 10.66 1.68 13.00
CA VAL B 8 10.81 2.73 14.00
C VAL B 8 9.44 3.41 14.14
N PRO B 9 8.86 3.51 15.35
CA PRO B 9 7.54 4.15 15.51
C PRO B 9 7.44 5.59 14.97
N GLY B 10 6.47 5.80 14.06
CA GLY B 10 6.17 7.10 13.45
C GLY B 10 6.96 7.41 12.18
N SER B 11 7.76 6.45 11.70
CA SER B 11 8.68 6.72 10.60
C SER B 11 8.07 6.52 9.21
N TRP B 12 6.83 6.00 9.12
CA TRP B 12 6.14 5.93 7.85
C TRP B 12 4.82 6.70 7.95
N PRO B 13 4.88 8.05 8.10
CA PRO B 13 3.74 8.85 8.56
C PRO B 13 2.56 8.95 7.59
N TRP B 14 2.69 8.32 6.41
CA TRP B 14 1.60 8.29 5.44
C TRP B 14 0.81 6.99 5.53
N GLN B 15 1.28 6.01 6.32
CA GLN B 15 0.61 4.71 6.38
C GLN B 15 -0.69 4.88 7.15
N VAL B 16 -1.82 4.43 6.58
CA VAL B 16 -3.09 4.45 7.29
C VAL B 16 -3.67 3.05 7.32
N SER B 17 -4.55 2.83 8.33
CA SER B 17 -5.33 1.62 8.51
C SER B 17 -6.78 1.92 8.16
N LEU B 18 -7.35 1.08 7.29
CA LEU B 18 -8.78 1.16 6.97
C LEU B 18 -9.55 0.09 7.74
N GLN B 19 -10.56 0.55 8.52
CA GLN B 19 -11.30 -0.25 9.49
C GLN B 19 -12.81 -0.12 9.28
N ASP B 20 -13.57 -1.15 9.72
CA ASP B 20 -15.02 -1.02 9.82
C ASP B 20 -15.43 -0.37 11.14
N LYS B 21 -16.72 -0.40 11.47
CA LYS B 21 -17.22 0.37 12.61
C LYS B 21 -16.89 -0.32 13.93
N THR B 22 -16.67 -1.63 13.89
CA THR B 22 -16.33 -2.39 15.08
C THR B 22 -14.84 -2.25 15.41
N GLY B 23 -14.08 -1.64 14.48
CA GLY B 23 -12.65 -1.43 14.62
C GLY B 23 -11.82 -2.56 14.03
N PHE B 24 -12.37 -3.33 13.08
CA PHE B 24 -11.61 -4.40 12.45
C PHE B 24 -10.87 -3.87 11.22
N HIS B 25 -9.53 -4.03 11.19
CA HIS B 25 -8.62 -3.64 10.10
C HIS B 25 -8.76 -4.59 8.91
N PHE B 26 -9.01 -4.05 7.69
CA PHE B 26 -9.18 -4.92 6.53
C PHE B 26 -8.20 -4.61 5.38
N CYS B 27 -7.65 -3.38 5.34
CA CYS B 27 -6.74 -2.95 4.28
C CYS B 27 -5.88 -1.77 4.77
N GLY B 28 -4.84 -1.44 4.00
CA GLY B 28 -4.07 -0.22 4.15
C GLY B 28 -4.34 0.81 3.04
N GLY B 29 -3.75 2.01 3.20
CA GLY B 29 -3.73 3.05 2.18
C GLY B 29 -2.65 4.09 2.45
N SER B 30 -2.55 5.12 1.58
CA SER B 30 -1.53 6.15 1.72
C SER B 30 -2.13 7.55 1.56
N LEU B 31 -1.85 8.45 2.53
CA LEU B 31 -2.14 9.88 2.43
C LEU B 31 -1.33 10.54 1.31
N ILE B 32 -1.97 11.44 0.54
CA ILE B 32 -1.28 12.22 -0.48
C ILE B 32 -1.51 13.72 -0.27
N ASN B 33 -2.34 14.09 0.69
CA ASN B 33 -2.50 15.47 1.13
C ASN B 33 -3.51 15.45 2.27
N GLU B 34 -3.90 16.62 2.80
CA GLU B 34 -4.79 16.65 3.95
C GLU B 34 -6.19 16.06 3.68
N ASN B 35 -6.54 15.80 2.42
CA ASN B 35 -7.92 15.52 2.06
C ASN B 35 -8.09 14.22 1.26
N TRP B 36 -6.99 13.49 0.96
CA TRP B 36 -7.11 12.42 -0.03
C TRP B 36 -6.23 11.22 0.34
N VAL B 37 -6.76 10.00 0.14
CA VAL B 37 -6.02 8.77 0.38
C VAL B 37 -6.06 7.93 -0.89
N VAL B 38 -4.95 7.25 -1.15
CA VAL B 38 -4.88 6.31 -2.29
C VAL B 38 -4.83 4.88 -1.71
N THR B 39 -5.64 3.98 -2.26
CA THR B 39 -5.72 2.59 -1.85
C THR B 39 -6.02 1.73 -3.08
N ALA B 40 -6.30 0.44 -2.89
CA ALA B 40 -6.63 -0.48 -3.98
C ALA B 40 -8.15 -0.61 -4.16
N ALA B 41 -8.57 -0.85 -5.41
CA ALA B 41 -9.98 -0.97 -5.78
C ALA B 41 -10.61 -2.28 -5.26
N HIS B 42 -9.81 -3.35 -5.08
CA HIS B 42 -10.39 -4.62 -4.63
C HIS B 42 -10.79 -4.56 -3.14
N CYS B 43 -10.28 -3.57 -2.40
CA CYS B 43 -10.59 -3.45 -0.98
C CYS B 43 -12.07 -3.16 -0.71
N GLY B 44 -12.77 -2.51 -1.64
CA GLY B 44 -14.21 -2.29 -1.55
C GLY B 44 -14.62 -1.36 -0.41
N VAL B 45 -13.78 -0.36 -0.12
CA VAL B 45 -14.13 0.71 0.81
C VAL B 45 -15.44 1.39 0.35
N THR B 46 -16.33 1.65 1.32
CA THR B 46 -17.50 2.52 1.10
C THR B 46 -17.55 3.59 2.19
N THR B 47 -18.56 4.45 2.16
CA THR B 47 -18.65 5.58 3.13
C THR B 47 -19.02 5.09 4.53
N SER B 48 -19.12 3.78 4.73
CA SER B 48 -19.37 3.24 6.07
C SER B 48 -18.09 3.10 6.89
N ASP B 49 -16.93 3.10 6.23
CA ASP B 49 -15.67 2.69 6.84
C ASP B 49 -14.94 3.92 7.42
N VAL B 50 -13.84 3.66 8.14
CA VAL B 50 -13.10 4.70 8.83
C VAL B 50 -11.63 4.66 8.38
N VAL B 51 -11.01 5.86 8.30
CA VAL B 51 -9.60 6.04 8.01
C VAL B 51 -8.87 6.38 9.30
N VAL B 52 -7.91 5.52 9.69
CA VAL B 52 -7.16 5.67 10.94
C VAL B 52 -5.69 5.97 10.59
N ALA B 53 -5.25 7.18 10.98
CA ALA B 53 -3.91 7.68 10.76
C ALA B 53 -3.19 7.87 12.10
N GLY B 54 -1.87 7.75 12.07
CA GLY B 54 -1.02 8.11 13.19
C GLY B 54 -0.84 6.96 14.19
N GLU B 55 -1.10 5.72 13.75
CA GLU B 55 -1.13 4.58 14.65
C GLU B 55 0.04 3.63 14.39
N PHE B 56 0.57 3.06 15.49
CA PHE B 56 1.75 2.20 15.42
C PHE B 56 1.37 0.80 15.89
N ASP B 57 0.87 0.72 17.13
CA ASP B 57 0.55 -0.50 17.85
C ASP B 57 -0.96 -0.62 17.94
N GLN B 58 -1.51 -1.61 17.22
CA GLN B 58 -2.95 -1.80 17.13
C GLN B 58 -3.52 -2.37 18.43
N GLY B 59 -2.64 -2.88 19.31
CA GLY B 59 -3.09 -3.43 20.57
C GLY B 59 -2.94 -2.50 21.77
N SER B 60 -2.69 -1.20 21.56
CA SER B 60 -2.39 -0.32 22.69
C SER B 60 -2.79 1.14 22.41
N SER B 61 -3.08 1.89 23.49
CA SER B 61 -3.59 3.25 23.38
C SER B 61 -2.55 4.28 23.80
N SER B 62 -1.27 3.98 23.55
CA SER B 62 -0.18 4.90 23.81
C SER B 62 0.14 5.75 22.57
N GLU B 63 -0.90 6.08 21.78
CA GLU B 63 -0.76 6.79 20.52
C GLU B 63 -1.83 7.89 20.42
N LYS B 64 -1.53 8.96 19.69
CA LYS B 64 -2.51 9.97 19.34
C LYS B 64 -3.00 9.75 17.90
N ILE B 65 -4.04 8.94 17.75
CA ILE B 65 -4.55 8.56 16.44
C ILE B 65 -5.62 9.57 16.01
N GLN B 66 -5.81 9.66 14.68
CA GLN B 66 -6.95 10.38 14.11
C GLN B 66 -7.82 9.39 13.33
N LYS B 67 -9.10 9.38 13.71
CA LYS B 67 -10.16 8.63 13.02
C LYS B 67 -10.88 9.59 12.09
N LEU B 68 -10.75 9.34 10.79
CA LEU B 68 -11.27 10.24 9.77
C LEU B 68 -12.41 9.58 9.02
N LYS B 69 -13.38 10.39 8.58
CA LYS B 69 -14.58 9.93 7.90
C LYS B 69 -14.47 10.20 6.40
N ILE B 70 -15.10 9.32 5.62
CA ILE B 70 -14.96 9.31 4.18
C ILE B 70 -16.15 10.03 3.53
N ALA B 71 -15.88 11.12 2.79
CA ALA B 71 -16.87 11.86 2.02
C ALA B 71 -17.32 11.15 0.73
N LYS B 72 -16.38 10.63 -0.08
CA LYS B 72 -16.78 9.89 -1.27
C LYS B 72 -15.68 8.93 -1.76
N VAL B 73 -16.08 7.95 -2.58
CA VAL B 73 -15.21 6.88 -3.03
C VAL B 73 -15.17 6.89 -4.57
N PHE B 74 -13.96 7.02 -5.13
CA PHE B 74 -13.79 7.10 -6.58
C PHE B 74 -13.05 5.86 -7.07
N LYS B 75 -13.80 4.85 -7.52
CA LYS B 75 -13.19 3.64 -8.05
C LYS B 75 -12.84 3.88 -9.52
N ASN B 76 -11.67 3.39 -9.95
CA ASN B 76 -11.27 3.49 -11.35
C ASN B 76 -12.22 2.67 -12.21
N SER B 77 -12.76 3.30 -13.27
CA SER B 77 -13.80 2.67 -14.06
C SER B 77 -13.23 1.66 -15.06
N LYS B 78 -11.89 1.55 -15.14
CA LYS B 78 -11.29 0.51 -15.96
C LYS B 78 -10.93 -0.70 -15.09
N TYR B 79 -11.27 -0.66 -13.79
CA TYR B 79 -10.92 -1.74 -12.89
C TYR B 79 -11.64 -3.03 -13.30
N ASN B 80 -10.84 -4.09 -13.45
CA ASN B 80 -11.36 -5.37 -13.90
C ASN B 80 -11.11 -6.43 -12.82
N SER B 81 -12.18 -6.95 -12.25
CA SER B 81 -12.06 -7.84 -11.10
C SER B 81 -11.67 -9.25 -11.49
N LEU B 82 -11.64 -9.57 -12.79
CA LEU B 82 -11.13 -10.87 -13.23
C LEU B 82 -9.61 -10.86 -13.42
N THR B 83 -9.04 -9.72 -13.85
CA THR B 83 -7.61 -9.65 -14.15
C THR B 83 -6.87 -8.93 -13.01
N ILE B 84 -7.66 -8.34 -12.10
CA ILE B 84 -7.22 -7.42 -11.05
C ILE B 84 -6.33 -6.34 -11.66
N ASN B 85 -6.84 -5.69 -12.72
CA ASN B 85 -6.15 -4.66 -13.47
C ASN B 85 -6.73 -3.27 -13.15
N ASN B 86 -5.89 -2.23 -13.19
CA ASN B 86 -6.31 -0.87 -12.87
C ASN B 86 -6.82 -0.77 -11.41
N ASP B 87 -6.10 -1.43 -10.50
CA ASP B 87 -6.51 -1.63 -9.11
C ASP B 87 -6.21 -0.38 -8.27
N ILE B 88 -6.90 0.73 -8.55
CA ILE B 88 -6.68 1.94 -7.76
C ILE B 88 -8.01 2.55 -7.34
N THR B 89 -8.04 3.13 -6.15
CA THR B 89 -9.25 3.86 -5.70
C THR B 89 -8.81 5.10 -4.91
N LEU B 90 -9.57 6.17 -5.02
CA LEU B 90 -9.26 7.40 -4.26
C LEU B 90 -10.33 7.65 -3.21
N LEU B 91 -9.91 8.08 -2.03
CA LEU B 91 -10.83 8.39 -0.93
C LEU B 91 -10.75 9.88 -0.57
N LYS B 92 -11.85 10.60 -0.72
CA LYS B 92 -11.89 12.00 -0.28
C LYS B 92 -12.42 12.06 1.14
N LEU B 93 -11.71 12.76 2.03
CA LEU B 93 -12.07 12.74 3.44
C LEU B 93 -13.02 13.89 3.72
N SER B 94 -14.05 13.62 4.52
CA SER B 94 -15.03 14.63 4.90
C SER B 94 -14.49 15.55 6.01
N THR B 95 -13.48 15.07 6.74
CA THR B 95 -12.75 15.83 7.75
C THR B 95 -11.24 15.71 7.46
N ALA B 96 -10.56 16.86 7.32
CA ALA B 96 -9.16 16.87 6.92
C ALA B 96 -8.28 16.36 8.05
N ALA B 97 -7.24 15.59 7.68
CA ALA B 97 -6.16 15.25 8.59
C ALA B 97 -5.43 16.54 8.97
N SER B 98 -4.93 16.63 10.22
CA SER B 98 -3.98 17.68 10.54
C SER B 98 -2.57 17.12 10.67
N PHE B 99 -1.69 17.61 9.77
CA PHE B 99 -0.33 17.12 9.59
C PHE B 99 0.51 17.47 10.81
N SER B 100 1.41 16.55 11.18
CA SER B 100 2.20 16.64 12.39
C SER B 100 3.46 15.79 12.25
N GLN B 101 4.12 15.53 13.39
CA GLN B 101 5.31 14.72 13.46
C GLN B 101 5.04 13.29 12.95
N THR B 102 3.84 12.73 13.23
CA THR B 102 3.54 11.35 12.85
C THR B 102 2.49 11.21 11.75
N VAL B 103 2.07 12.32 11.11
CA VAL B 103 1.04 12.27 10.08
C VAL B 103 1.39 13.28 8.98
N SER B 104 1.66 12.78 7.76
CA SER B 104 1.90 13.59 6.58
C SER B 104 1.96 12.73 5.32
N ALA B 105 2.43 13.31 4.19
CA ALA B 105 2.13 12.81 2.86
C ALA B 105 3.33 12.19 2.15
N VAL B 106 3.05 11.22 1.27
CA VAL B 106 4.00 10.61 0.34
C VAL B 106 3.98 11.47 -0.92
N CYS B 107 5.08 11.50 -1.68
CA CYS B 107 5.11 12.11 -3.02
C CYS B 107 4.47 11.18 -4.05
N LEU B 108 3.85 11.80 -5.07
CA LEU B 108 3.37 11.17 -6.28
C LEU B 108 4.41 11.38 -7.38
N PRO B 109 4.64 10.40 -8.28
CA PRO B 109 5.60 10.57 -9.37
C PRO B 109 4.99 11.34 -10.54
N SER B 110 5.85 11.74 -11.50
CA SER B 110 5.39 12.07 -12.86
C SER B 110 5.14 10.78 -13.64
N ALA B 111 4.19 10.83 -14.58
CA ALA B 111 3.97 9.72 -15.51
C ALA B 111 5.27 9.29 -16.18
N SER B 112 6.23 10.21 -16.31
CA SER B 112 7.40 10.04 -17.16
C SER B 112 8.61 9.49 -16.42
N ASP B 113 8.53 9.46 -15.08
CA ASP B 113 9.65 8.97 -14.21
C ASP B 113 10.10 7.56 -14.61
N ASP B 114 11.37 7.21 -14.31
CA ASP B 114 11.81 5.87 -14.61
C ASP B 114 12.44 5.26 -13.36
N PHE B 115 11.85 4.15 -12.91
CA PHE B 115 12.39 3.39 -11.79
C PHE B 115 12.91 2.07 -12.36
N ALA B 116 14.25 1.96 -12.37
CA ALA B 116 14.98 0.94 -13.08
C ALA B 116 14.91 -0.41 -12.35
N ALA B 117 14.81 -1.50 -13.14
CA ALA B 117 14.82 -2.85 -12.59
C ALA B 117 16.05 -3.05 -11.70
N GLY B 118 15.84 -3.51 -10.46
CA GLY B 118 16.94 -3.84 -9.56
C GLY B 118 17.17 -2.77 -8.49
N THR B 119 16.41 -1.65 -8.55
CA THR B 119 16.41 -0.67 -7.47
C THR B 119 15.84 -1.32 -6.21
N THR B 120 16.46 -1.02 -5.06
CA THR B 120 15.96 -1.38 -3.75
C THR B 120 14.89 -0.37 -3.34
N CYS B 121 13.66 -0.86 -3.12
CA CYS B 121 12.51 -0.11 -2.60
C CYS B 121 12.03 -0.75 -1.30
N VAL B 122 10.90 -0.29 -0.73
CA VAL B 122 10.44 -0.64 0.61
C VAL B 122 8.91 -0.75 0.64
N THR B 123 8.38 -1.73 1.40
CA THR B 123 6.94 -1.93 1.59
C THR B 123 6.58 -1.96 3.08
N THR B 124 5.38 -1.50 3.46
CA THR B 124 4.95 -1.51 4.86
C THR B 124 3.50 -1.99 5.00
N GLY B 125 3.15 -2.51 6.20
CA GLY B 125 1.79 -2.93 6.54
C GLY B 125 1.66 -3.76 7.83
N TRP B 126 0.40 -4.12 8.11
CA TRP B 126 0.05 -4.93 9.31
C TRP B 126 -0.50 -6.30 8.88
N GLY B 127 -0.10 -6.82 7.72
CA GLY B 127 -0.56 -8.14 7.29
C GLY B 127 0.13 -9.32 7.99
N LEU B 128 -0.40 -10.54 7.69
CA LEU B 128 0.09 -11.82 8.21
C LEU B 128 1.61 -11.90 8.08
N THR B 129 2.26 -12.50 9.11
CA THR B 129 3.71 -12.70 9.15
C THR B 129 4.05 -14.16 8.82
N ARG B 130 3.02 -14.98 8.64
CA ARG B 130 3.17 -16.35 8.15
C ARG B 130 1.83 -16.80 7.62
N TYR B 131 1.85 -17.77 6.71
CA TYR B 131 0.60 -18.36 6.17
C TYR B 131 -0.08 -19.18 7.27
N ALA C 1 -0.36 -18.06 12.78
CA ALA C 1 -0.66 -17.24 11.59
C ALA C 1 -1.63 -16.16 12.00
N ASN C 2 -1.17 -15.16 12.75
CA ASN C 2 -2.13 -14.07 13.05
C ASN C 2 -1.50 -12.71 12.73
N THR C 3 -2.22 -11.65 13.03
CA THR C 3 -1.74 -10.31 12.64
C THR C 3 -0.70 -9.75 13.61
N PRO C 4 0.34 -9.06 13.11
CA PRO C 4 1.27 -8.35 13.98
C PRO C 4 0.60 -7.08 14.50
N ASP C 5 0.69 -6.83 15.80
CA ASP C 5 0.10 -5.61 16.41
C ASP C 5 0.89 -4.38 16.01
N ARG C 6 2.18 -4.55 15.71
CA ARG C 6 3.05 -3.41 15.41
C ARG C 6 3.46 -3.39 13.93
N LEU C 7 3.65 -2.18 13.37
CA LEU C 7 3.84 -1.98 11.93
C LEU C 7 5.15 -2.59 11.44
N GLN C 8 5.07 -3.38 10.36
CA GLN C 8 6.21 -4.05 9.77
C GLN C 8 6.66 -3.32 8.48
N GLN C 9 7.94 -3.49 8.12
CA GLN C 9 8.60 -2.95 6.93
C GLN C 9 9.56 -4.00 6.38
N ALA C 10 9.82 -3.97 5.06
CA ALA C 10 10.77 -4.86 4.41
C ALA C 10 11.31 -4.24 3.12
N SER C 11 12.60 -4.48 2.83
CA SER C 11 13.33 -4.08 1.63
C SER C 11 13.24 -5.15 0.54
N LEU C 12 13.11 -4.70 -0.73
CA LEU C 12 12.92 -5.61 -1.85
C LEU C 12 13.25 -4.95 -3.20
N PRO C 13 13.77 -5.74 -4.18
CA PRO C 13 14.10 -5.22 -5.52
C PRO C 13 12.95 -5.24 -6.52
N LEU C 14 12.91 -4.24 -7.42
CA LEU C 14 11.96 -4.23 -8.53
C LEU C 14 12.40 -5.26 -9.58
N LEU C 15 11.44 -5.88 -10.27
CA LEU C 15 11.72 -6.67 -11.46
C LEU C 15 11.34 -5.88 -12.72
N SER C 16 11.90 -6.28 -13.87
CA SER C 16 11.36 -5.96 -15.19
C SER C 16 10.11 -6.80 -15.45
N ASN C 17 9.24 -6.32 -16.35
CA ASN C 17 8.03 -7.05 -16.74
C ASN C 17 8.41 -8.33 -17.52
N THR C 18 9.64 -8.39 -18.03
CA THR C 18 10.14 -9.54 -18.77
C THR C 18 10.45 -10.70 -17.83
N ASN C 19 11.15 -10.43 -16.74
CA ASN C 19 11.45 -11.48 -15.74
C ASN C 19 10.16 -11.86 -14.99
N CYS C 20 9.37 -10.89 -14.56
CA CYS C 20 8.15 -11.16 -13.80
C CYS C 20 7.26 -12.15 -14.58
N LYS C 21 7.37 -12.09 -15.92
CA LYS C 21 6.58 -12.94 -16.79
C LYS C 21 7.05 -14.39 -16.77
N LYS C 22 8.28 -14.62 -16.30
CA LYS C 22 8.81 -15.97 -16.20
C LYS C 22 8.13 -16.75 -15.07
N TYR C 23 7.46 -16.04 -14.14
CA TYR C 23 6.73 -16.65 -13.03
C TYR C 23 5.22 -16.59 -13.27
N TRP C 24 4.72 -15.46 -13.81
CA TRP C 24 3.28 -15.16 -13.85
C TRP C 24 2.69 -15.13 -15.26
N GLY C 25 3.53 -15.12 -16.31
CA GLY C 25 3.03 -15.16 -17.68
C GLY C 25 2.07 -14.00 -18.01
N THR C 26 0.94 -14.35 -18.64
CA THR C 26 0.04 -13.40 -19.26
C THR C 26 -0.86 -12.70 -18.25
N LYS C 27 -0.72 -12.98 -16.96
CA LYS C 27 -1.48 -12.24 -15.96
C LYS C 27 -0.89 -10.84 -15.77
N ILE C 28 0.35 -10.63 -16.23
CA ILE C 28 1.01 -9.35 -16.03
C ILE C 28 0.59 -8.35 -17.13
N LYS C 29 -0.07 -7.26 -16.70
CA LYS C 29 -0.60 -6.23 -17.58
C LYS C 29 0.27 -4.97 -17.47
N ASP C 30 0.03 -4.01 -18.38
CA ASP C 30 0.80 -2.78 -18.50
C ASP C 30 0.66 -1.88 -17.25
N ALA C 31 -0.46 -1.98 -16.50
CA ALA C 31 -0.63 -1.18 -15.29
C ALA C 31 -0.18 -1.92 -14.02
N MET C 32 0.72 -2.90 -14.17
CA MET C 32 1.24 -3.66 -13.03
C MET C 32 2.76 -3.51 -12.95
N ILE C 33 3.31 -3.71 -11.74
CA ILE C 33 4.75 -3.82 -11.50
C ILE C 33 5.00 -4.84 -10.39
N CYS C 34 6.09 -5.61 -10.53
CA CYS C 34 6.47 -6.64 -9.56
C CYS C 34 7.71 -6.21 -8.77
N ALA C 35 7.78 -6.68 -7.51
CA ALA C 35 8.93 -6.62 -6.62
C ALA C 35 8.98 -7.88 -5.75
N GLY C 36 10.17 -8.23 -5.25
CA GLY C 36 10.29 -9.35 -4.33
C GLY C 36 11.16 -10.48 -4.86
N ALA C 37 10.72 -11.73 -4.63
CA ALA C 37 11.44 -12.94 -5.01
C ALA C 37 12.80 -13.04 -4.32
N SER C 38 12.97 -12.30 -3.20
CA SER C 38 14.26 -12.03 -2.58
C SER C 38 14.34 -12.51 -1.14
N GLY C 39 13.39 -13.34 -0.68
CA GLY C 39 13.39 -13.79 0.71
C GLY C 39 12.36 -13.09 1.62
N VAL C 40 11.54 -12.18 1.05
CA VAL C 40 10.47 -11.51 1.77
C VAL C 40 9.22 -11.52 0.89
N SER C 41 8.07 -11.11 1.46
CA SER C 41 6.79 -11.04 0.76
C SER C 41 5.76 -10.19 1.54
N SER C 42 4.93 -9.45 0.79
CA SER C 42 3.65 -8.96 1.30
C SER C 42 2.70 -10.16 1.47
N CYS C 43 1.63 -9.95 2.25
CA CYS C 43 0.72 -11.02 2.64
C CYS C 43 -0.62 -10.40 3.04
N MET C 44 -1.62 -11.26 3.30
CA MET C 44 -3.02 -10.87 3.44
C MET C 44 -3.12 -9.87 4.58
N GLY C 45 -3.81 -8.74 4.33
CA GLY C 45 -3.85 -7.64 5.27
C GLY C 45 -2.99 -6.44 4.86
N ASP C 46 -2.04 -6.63 3.92
CA ASP C 46 -1.19 -5.54 3.44
C ASP C 46 -1.80 -4.78 2.24
N SER C 47 -2.81 -5.38 1.55
CA SER C 47 -3.53 -4.81 0.41
C SER C 47 -3.84 -3.33 0.57
N GLY C 48 -3.51 -2.54 -0.48
CA GLY C 48 -3.87 -1.13 -0.51
C GLY C 48 -2.82 -0.20 0.10
N GLY C 49 -1.78 -0.77 0.72
CA GLY C 49 -0.68 0.01 1.28
C GLY C 49 0.45 0.27 0.28
N PRO C 50 1.50 1.02 0.69
CA PRO C 50 2.53 1.50 -0.24
C PRO C 50 3.75 0.62 -0.53
N LEU C 51 4.28 0.81 -1.73
CA LEU C 51 5.63 0.43 -2.11
C LEU C 51 6.34 1.72 -2.53
N VAL C 52 7.46 2.05 -1.88
CA VAL C 52 8.09 3.36 -2.11
C VAL C 52 9.57 3.22 -2.52
N CYS C 53 9.98 4.10 -3.47
CA CYS C 53 11.37 4.24 -3.89
C CYS C 53 11.80 5.71 -3.82
N LYS C 54 13.12 5.92 -3.67
CA LYS C 54 13.69 7.27 -3.65
C LYS C 54 13.79 7.89 -5.04
N LYS C 55 13.33 9.15 -5.14
CA LYS C 55 13.45 9.96 -6.34
C LYS C 55 13.85 11.35 -5.88
N ASN C 56 15.01 11.82 -6.38
CA ASN C 56 15.50 13.12 -5.97
C ASN C 56 15.54 13.17 -4.45
N GLY C 57 15.91 12.03 -3.84
CA GLY C 57 15.98 11.92 -2.39
C GLY C 57 14.67 11.58 -1.68
N ALA C 58 13.49 11.93 -2.24
CA ALA C 58 12.23 11.79 -1.52
C ALA C 58 11.57 10.43 -1.76
N TRP C 59 10.91 9.90 -0.71
CA TRP C 59 10.15 8.68 -0.83
C TRP C 59 8.90 8.93 -1.69
N THR C 60 8.71 8.08 -2.71
CA THR C 60 7.75 8.30 -3.78
C THR C 60 6.96 7.02 -4.05
N LEU C 61 5.64 7.17 -4.27
CA LEU C 61 4.70 6.06 -4.39
C LEU C 61 4.84 5.41 -5.77
N VAL C 62 5.49 4.24 -5.81
CA VAL C 62 5.72 3.54 -7.07
C VAL C 62 4.70 2.42 -7.25
N GLY C 63 4.22 1.83 -6.14
CA GLY C 63 3.28 0.70 -6.21
C GLY C 63 2.24 0.75 -5.10
N ILE C 64 1.13 -0.01 -5.31
CA ILE C 64 0.07 -0.26 -4.35
C ILE C 64 -0.12 -1.77 -4.20
N VAL C 65 -0.01 -2.27 -2.96
CA VAL C 65 -0.09 -3.71 -2.69
C VAL C 65 -1.35 -4.32 -3.31
N SER C 66 -1.18 -5.28 -4.23
CA SER C 66 -2.33 -5.73 -5.01
C SER C 66 -2.60 -7.23 -4.87
N TRP C 67 -1.75 -8.11 -5.44
CA TRP C 67 -2.02 -9.54 -5.39
C TRP C 67 -0.74 -10.34 -5.58
N GLY C 68 -0.80 -11.64 -5.29
CA GLY C 68 0.33 -12.54 -5.48
C GLY C 68 0.00 -13.98 -5.11
N SER C 69 1.02 -14.72 -4.58
CA SER C 69 0.89 -16.19 -4.27
C SER C 69 -0.01 -16.49 -3.07
N SER C 70 -0.81 -17.57 -3.15
CA SER C 70 -1.80 -17.81 -2.07
C SER C 70 -1.12 -18.33 -0.79
N THR C 71 0.18 -18.65 -0.82
CA THR C 71 0.87 -19.05 0.41
C THR C 71 1.94 -18.02 0.82
N CYS C 72 2.00 -16.88 0.12
CA CYS C 72 2.92 -15.78 0.45
C CYS C 72 4.39 -16.18 0.28
N SER C 73 4.68 -17.09 -0.67
CA SER C 73 5.99 -17.68 -0.88
C SER C 73 7.04 -16.59 -1.09
N THR C 74 8.18 -16.68 -0.38
CA THR C 74 9.21 -15.66 -0.43
C THR C 74 10.13 -15.87 -1.63
N SER C 75 9.86 -16.91 -2.42
CA SER C 75 10.56 -17.20 -3.66
C SER C 75 9.88 -16.52 -4.86
N THR C 76 8.60 -16.16 -4.71
CA THR C 76 7.81 -15.64 -5.82
C THR C 76 7.68 -14.12 -5.71
N PRO C 77 7.70 -13.34 -6.82
CA PRO C 77 7.53 -11.88 -6.74
C PRO C 77 6.07 -11.51 -6.48
N GLY C 78 5.90 -10.36 -5.82
CA GLY C 78 4.58 -9.80 -5.56
C GLY C 78 4.17 -8.81 -6.65
N VAL C 79 2.86 -8.60 -6.80
CA VAL C 79 2.34 -7.75 -7.86
C VAL C 79 1.64 -6.53 -7.24
N TYR C 80 1.90 -5.36 -7.85
CA TYR C 80 1.52 -4.06 -7.33
C TYR C 80 0.98 -3.23 -8.49
N ALA C 81 0.01 -2.34 -8.21
CA ALA C 81 -0.55 -1.41 -9.18
C ALA C 81 0.50 -0.36 -9.51
N ARG C 82 0.72 -0.09 -10.81
CA ARG C 82 1.80 0.78 -11.27
C ARG C 82 1.33 2.23 -11.28
N VAL C 83 1.71 3.03 -10.27
CA VAL C 83 1.21 4.43 -10.09
C VAL C 83 1.57 5.37 -11.26
N THR C 84 2.71 5.18 -11.92
CA THR C 84 3.13 6.01 -13.09
C THR C 84 2.07 5.91 -14.19
N ALA C 85 1.55 4.71 -14.45
CA ALA C 85 0.55 4.51 -15.53
C ALA C 85 -0.83 4.97 -15.08
N LEU C 86 -1.00 5.36 -13.81
CA LEU C 86 -2.35 5.73 -13.35
C LEU C 86 -2.38 7.15 -12.80
N VAL C 87 -1.25 7.85 -12.82
CA VAL C 87 -1.14 9.10 -12.06
C VAL C 87 -1.89 10.25 -12.73
N ASN C 88 -2.03 10.24 -14.05
CA ASN C 88 -2.80 11.30 -14.75
C ASN C 88 -4.29 11.18 -14.41
N TRP C 89 -4.77 9.96 -14.21
CA TRP C 89 -6.15 9.76 -13.76
C TRP C 89 -6.34 10.35 -12.36
N VAL C 90 -5.40 10.08 -11.46
CA VAL C 90 -5.38 10.68 -10.12
C VAL C 90 -5.53 12.20 -10.25
N GLN C 91 -4.71 12.80 -11.11
CA GLN C 91 -4.69 14.27 -11.29
C GLN C 91 -6.02 14.83 -11.80
N GLN C 92 -6.57 14.26 -12.87
CA GLN C 92 -7.89 14.67 -13.36
C GLN C 92 -8.89 14.72 -12.21
N THR C 93 -8.95 13.64 -11.44
CA THR C 93 -9.96 13.40 -10.42
C THR C 93 -9.87 14.47 -9.33
N LEU C 94 -8.66 14.69 -8.78
CA LEU C 94 -8.46 15.71 -7.76
C LEU C 94 -8.92 17.06 -8.30
N ALA C 95 -8.54 17.35 -9.55
CA ALA C 95 -8.75 18.65 -10.17
C ALA C 95 -10.23 18.98 -10.30
N ALA C 96 -11.08 17.95 -10.48
CA ALA C 96 -12.49 18.13 -10.80
C ALA C 96 -13.39 17.91 -9.59
N ASN C 97 -12.81 17.52 -8.44
CA ASN C 97 -13.61 17.21 -7.28
C ASN C 97 -12.98 17.88 -6.05
N ALA D 1 -2.78 -17.90 -6.89
CA ALA D 1 -2.86 -16.46 -7.30
C ALA D 1 -4.18 -15.87 -6.81
N CYS D 2 -4.10 -14.85 -5.93
CA CYS D 2 -5.28 -14.24 -5.33
C CYS D 2 -4.93 -12.88 -4.72
N ALA D 3 -5.95 -12.06 -4.41
CA ALA D 3 -5.78 -10.76 -3.75
C ALA D 3 -5.36 -10.92 -2.30
N TRP D 4 -4.52 -9.98 -1.86
CA TRP D 4 -3.92 -10.04 -0.52
C TRP D 4 -4.70 -9.19 0.47
N CYS D 5 -6.04 -9.27 0.41
CA CYS D 5 -6.96 -8.72 1.41
C CYS D 5 -7.35 -9.80 2.43
N LEU D 6 -8.16 -9.40 3.42
CA LEU D 6 -8.48 -10.24 4.57
C LEU D 6 -9.95 -10.68 4.53
N ARG D 7 -10.82 -9.72 4.21
CA ARG D 7 -12.28 -9.99 4.21
C ARG D 7 -12.82 -9.87 2.79
N GLY D 8 -13.36 -10.97 2.26
CA GLY D 8 -14.00 -10.92 0.95
C GLY D 8 -13.71 -12.12 0.05
N THR D 9 -14.30 -12.08 -1.15
CA THR D 9 -14.42 -13.22 -2.05
C THR D 9 -13.25 -13.29 -3.03
N ILE D 10 -12.56 -12.16 -3.26
CA ILE D 10 -11.35 -12.11 -4.13
C ILE D 10 -10.11 -12.38 -3.27
N CYS D 11 -10.23 -12.33 -1.95
CA CYS D 11 -9.13 -12.51 -1.01
C CYS D 11 -8.77 -13.98 -0.92
N CYS D 12 -7.46 -14.25 -0.73
CA CYS D 12 -6.98 -15.61 -0.51
C CYS D 12 -7.69 -16.21 0.70
N SER D 13 -8.14 -17.47 0.53
CA SER D 13 -8.86 -18.26 1.52
C SER D 13 -10.09 -17.53 2.05
N GLY D 14 -10.72 -16.71 1.21
CA GLY D 14 -11.91 -15.94 1.64
C GLY D 14 -11.60 -14.87 2.67
#